data_2YDW
#
_entry.id   2YDW
#
_cell.length_a   117.372
_cell.length_b   56.013
_cell.length_c   67.425
_cell.angle_alpha   90.00
_cell.angle_beta   93.98
_cell.angle_gamma   90.00
#
_symmetry.space_group_name_H-M   'C 1 2 1'
#
loop_
_entity.id
_entity.type
_entity.pdbx_description
1 polymer 'BROMODOMAIN-CONTAINING PROTEIN 2'
2 non-polymer 'BENZYL [(4R)-1-METHYL-6-PHENYL-4H-[1,2,4]TRIAZOLO[4,3-A][1,4]BENZODIAZEPIN-4-YL]CARBAMATE'
3 non-polymer 'SULFATE ION'
4 water water
#
_entity_poly.entity_id   1
_entity_poly.type   'polypeptide(L)'
_entity_poly.pdbx_seq_one_letter_code
;GSSHHHHHHSSGLVPRGSHMSNPKKPGRVTNQLQYLHKVVMKALWKHQFAWPFRQPVDAVKLGLPDYHKIIKQPMDMGTI
KRRLENNYYWAASECMQDFNTMFTNCYIYNKPTDDIVLMAQTLEKIFLQKVASMPQEEQELVVTIPNSHKKGA
;
_entity_poly.pdbx_strand_id   A,B,C
#
loop_
_chem_comp.id
_chem_comp.type
_chem_comp.name
_chem_comp.formula
SO4 non-polymer 'SULFATE ION' 'O4 S -2'
WSH non-polymer 'BENZYL [(4R)-1-METHYL-6-PHENYL-4H-[1,2,4]TRIAZOLO[4,3-A][1,4]BENZODIAZEPIN-4-YL]CARBAMATE' 'C25 H21 N5 O2'
#
# COMPACT_ATOMS: atom_id res chain seq x y z
N THR A 30 0.56 -16.17 0.28
CA THR A 30 -0.80 -15.59 0.53
C THR A 30 -1.11 -14.52 -0.52
N ASN A 31 -2.40 -14.28 -0.72
CA ASN A 31 -2.87 -13.23 -1.62
C ASN A 31 -2.43 -11.83 -1.15
N GLN A 32 -2.40 -11.62 0.16
CA GLN A 32 -2.00 -10.34 0.73
C GLN A 32 -0.52 -10.03 0.46
N LEU A 33 0.34 -11.04 0.58
CA LEU A 33 1.77 -10.87 0.32
C LEU A 33 2.06 -10.66 -1.17
N GLN A 34 1.29 -11.32 -2.03
CA GLN A 34 1.39 -11.08 -3.47
C GLN A 34 1.04 -9.63 -3.82
N TYR A 35 -0.01 -9.11 -3.20
CA TYR A 35 -0.43 -7.72 -3.39
C TYR A 35 0.67 -6.77 -2.93
N LEU A 36 1.19 -6.99 -1.73
CA LEU A 36 2.27 -6.15 -1.22
C LEU A 36 3.48 -6.15 -2.15
N HIS A 37 3.79 -7.30 -2.75
CA HIS A 37 4.90 -7.41 -3.68
C HIS A 37 4.59 -6.75 -5.03
N LYS A 38 3.47 -7.13 -5.64
CA LYS A 38 3.12 -6.66 -6.99
C LYS A 38 2.55 -5.24 -7.05
N VAL A 39 1.90 -4.77 -5.98
CA VAL A 39 1.28 -3.44 -5.99
C VAL A 39 2.02 -2.44 -5.12
N VAL A 40 2.27 -2.82 -3.86
CA VAL A 40 2.86 -1.88 -2.90
C VAL A 40 4.36 -1.72 -3.17
N MET A 41 5.12 -2.80 -3.15
CA MET A 41 6.57 -2.72 -3.40
C MET A 41 6.88 -2.18 -4.81
N LYS A 42 6.16 -2.66 -5.82
CA LYS A 42 6.38 -2.20 -7.19
C LYS A 42 6.29 -0.67 -7.30
N ALA A 43 5.25 -0.10 -6.70
CA ALA A 43 5.05 1.35 -6.72
C ALA A 43 6.12 2.11 -5.93
N LEU A 44 6.51 1.58 -4.77
CA LEU A 44 7.45 2.30 -3.91
C LEU A 44 8.89 2.20 -4.45
N TRP A 45 9.27 1.02 -4.94
CA TRP A 45 10.64 0.77 -5.37
C TRP A 45 11.12 1.68 -6.49
N LYS A 46 10.25 1.96 -7.45
CA LYS A 46 10.57 2.78 -8.62
C LYS A 46 10.31 4.29 -8.42
N HIS A 47 9.79 4.67 -7.25
CA HIS A 47 9.51 6.09 -6.93
C HIS A 47 10.79 6.93 -6.97
N GLN A 48 10.67 8.17 -7.42
CA GLN A 48 11.81 9.08 -7.48
C GLN A 48 12.45 9.41 -6.10
N PHE A 49 11.72 9.21 -5.00
CA PHE A 49 12.26 9.44 -3.65
C PHE A 49 12.67 8.13 -2.95
N ALA A 50 12.63 7.01 -3.68
CA ALA A 50 12.92 5.71 -3.09
C ALA A 50 14.42 5.48 -2.82
N TRP A 51 15.29 6.16 -3.57
CA TRP A 51 16.72 5.80 -3.58
C TRP A 51 17.45 5.74 -2.20
N PRO A 52 17.12 6.63 -1.24
CA PRO A 52 17.75 6.46 0.08
C PRO A 52 17.34 5.17 0.82
N PHE A 53 16.24 4.55 0.40
CA PHE A 53 15.62 3.45 1.14
C PHE A 53 15.80 2.07 0.51
N ARG A 54 16.45 2.01 -0.67
CA ARG A 54 16.58 0.76 -1.42
C ARG A 54 17.63 -0.21 -0.85
N GLN A 55 18.50 0.31 0.01
CA GLN A 55 19.56 -0.49 0.63
C GLN A 55 19.77 0.00 2.06
N PRO A 56 20.31 -0.88 2.92
CA PRO A 56 20.61 -0.47 4.30
C PRO A 56 21.37 0.86 4.38
N VAL A 57 21.03 1.66 5.38
CA VAL A 57 21.80 2.85 5.71
C VAL A 57 23.24 2.41 5.98
N ASP A 58 24.18 2.98 5.23
CA ASP A 58 25.61 2.72 5.43
C ASP A 58 26.18 3.84 6.27
N ALA A 59 26.34 3.59 7.57
CA ALA A 59 26.79 4.60 8.53
C ALA A 59 28.21 5.10 8.25
N VAL A 60 29.06 4.23 7.71
CA VAL A 60 30.43 4.64 7.33
C VAL A 60 30.35 5.60 6.14
N LYS A 61 29.65 5.18 5.10
CA LYS A 61 29.48 5.98 3.89
C LYS A 61 28.88 7.36 4.18
N LEU A 62 27.86 7.39 5.03
CA LEU A 62 27.11 8.62 5.33
C LEU A 62 27.74 9.45 6.45
N GLY A 63 28.73 8.89 7.13
CA GLY A 63 29.43 9.58 8.22
C GLY A 63 28.55 9.76 9.44
N LEU A 64 27.90 8.67 9.85
CA LEU A 64 26.92 8.68 10.95
C LEU A 64 27.30 7.67 12.04
N PRO A 65 28.27 8.02 12.90
CA PRO A 65 28.73 7.09 13.93
C PRO A 65 27.68 6.72 14.98
N ASP A 66 26.64 7.54 15.12
CA ASP A 66 25.61 7.27 16.11
C ASP A 66 24.37 6.57 15.56
N TYR A 67 24.31 6.31 14.24
CA TYR A 67 23.08 5.77 13.64
C TYR A 67 22.67 4.47 14.30
N HIS A 68 23.60 3.53 14.39
CA HIS A 68 23.32 2.22 15.01
C HIS A 68 23.18 2.25 16.54
N LYS A 69 23.57 3.37 17.15
CA LYS A 69 23.36 3.59 18.58
C LYS A 69 21.92 4.03 18.86
N ILE A 70 21.32 4.74 17.90
CA ILE A 70 19.96 5.25 18.03
C ILE A 70 18.95 4.30 17.38
N ILE A 71 19.29 3.77 16.20
CA ILE A 71 18.38 2.88 15.47
C ILE A 71 18.84 1.44 15.67
N LYS A 72 18.09 0.70 16.47
CA LYS A 72 18.46 -0.68 16.85
C LYS A 72 17.91 -1.75 15.91
N GLN A 73 16.92 -1.41 15.09
CA GLN A 73 16.36 -2.34 14.12
C GLN A 73 16.36 -1.68 12.75
N PRO A 74 17.53 -1.69 12.07
CA PRO A 74 17.57 -1.09 10.75
C PRO A 74 16.69 -1.88 9.77
N MET A 75 16.10 -1.19 8.81
CA MET A 75 15.28 -1.82 7.77
C MET A 75 15.34 -0.99 6.50
N ASP A 76 15.15 -1.65 5.37
CA ASP A 76 15.17 -0.99 4.07
C ASP A 76 14.34 -1.80 3.08
N MET A 77 14.04 -1.19 1.94
CA MET A 77 13.21 -1.83 0.92
C MET A 77 13.89 -3.00 0.21
N GLY A 78 15.21 -2.91 0.03
CA GLY A 78 15.98 -4.02 -0.53
C GLY A 78 15.77 -5.29 0.27
N THR A 79 15.82 -5.16 1.59
CA THR A 79 15.58 -6.28 2.51
C THR A 79 14.15 -6.80 2.40
N ILE A 80 13.19 -5.88 2.38
CA ILE A 80 11.78 -6.22 2.30
C ILE A 80 11.47 -6.93 0.97
N LYS A 81 11.98 -6.38 -0.13
CA LYS A 81 11.83 -6.94 -1.47
C LYS A 81 12.42 -8.36 -1.54
N ARG A 82 13.62 -8.52 -1.00
CA ARG A 82 14.28 -9.83 -0.92
C ARG A 82 13.47 -10.83 -0.10
N ARG A 83 12.87 -10.36 1.00
CA ARG A 83 11.99 -11.19 1.82
C ARG A 83 10.69 -11.59 1.09
N LEU A 84 10.12 -10.68 0.32
CA LEU A 84 8.92 -10.97 -0.49
C LEU A 84 9.26 -11.97 -1.62
N GLU A 85 10.40 -11.76 -2.28
CA GLU A 85 10.88 -12.68 -3.32
C GLU A 85 11.19 -14.08 -2.78
N ASN A 86 11.71 -14.18 -1.55
CA ASN A 86 12.11 -15.46 -0.97
C ASN A 86 11.09 -16.11 -0.03
N ASN A 87 9.84 -15.63 -0.07
CA ASN A 87 8.77 -16.13 0.80
C ASN A 87 9.20 -16.20 2.28
N TYR A 88 9.79 -15.10 2.76
CA TYR A 88 10.22 -15.01 4.16
C TYR A 88 9.04 -14.80 5.11
N TYR A 89 8.07 -13.98 4.69
CA TYR A 89 6.94 -13.58 5.55
C TYR A 89 5.84 -14.62 5.65
N TRP A 90 5.26 -14.73 6.83
CA TRP A 90 4.16 -15.65 7.09
C TRP A 90 2.79 -14.96 7.06
N ALA A 91 2.76 -13.67 7.37
CA ALA A 91 1.53 -12.87 7.31
C ALA A 91 1.83 -11.51 6.68
N ALA A 92 0.82 -10.93 6.03
CA ALA A 92 0.95 -9.61 5.41
C ALA A 92 1.37 -8.57 6.45
N SER A 93 0.82 -8.72 7.65
CA SER A 93 1.12 -7.85 8.77
C SER A 93 2.63 -7.77 9.06
N GLU A 94 3.35 -8.88 8.92
CA GLU A 94 4.80 -8.90 9.16
C GLU A 94 5.57 -8.03 8.17
N CYS A 95 5.15 -8.07 6.91
CA CYS A 95 5.73 -7.25 5.86
C CYS A 95 5.43 -5.77 6.13
N MET A 96 4.18 -5.49 6.48
CA MET A 96 3.74 -4.12 6.78
C MET A 96 4.50 -3.52 7.95
N GLN A 97 4.81 -4.33 8.95
CA GLN A 97 5.59 -3.87 10.09
C GLN A 97 7.01 -3.49 9.68
N ASP A 98 7.61 -4.23 8.74
CA ASP A 98 8.95 -3.89 8.24
C ASP A 98 8.95 -2.53 7.51
N PHE A 99 7.96 -2.30 6.65
CA PHE A 99 7.80 -1.00 6.01
C PHE A 99 7.71 0.09 7.08
N ASN A 100 6.89 -0.15 8.09
CA ASN A 100 6.70 0.85 9.15
C ASN A 100 7.99 1.14 9.91
N THR A 101 8.75 0.10 10.21
CA THR A 101 10.02 0.22 10.90
C THR A 101 10.97 1.09 10.08
N MET A 102 11.01 0.86 8.77
CA MET A 102 11.84 1.65 7.87
C MET A 102 11.49 3.14 7.94
N PHE A 103 10.22 3.45 7.85
CA PHE A 103 9.79 4.86 7.89
C PHE A 103 10.03 5.48 9.28
N THR A 104 9.68 4.74 10.33
N THR A 104 9.68 4.76 10.34
CA THR A 104 9.83 5.24 11.69
CA THR A 104 9.84 5.32 11.69
C THR A 104 11.29 5.49 12.08
C THR A 104 11.31 5.49 12.09
N ASN A 105 12.17 4.59 11.64
CA ASN A 105 13.62 4.77 11.83
C ASN A 105 14.05 6.12 11.27
N CYS A 106 13.50 6.46 10.09
CA CYS A 106 13.84 7.72 9.45
C CYS A 106 13.36 8.93 10.27
N TYR A 107 12.12 8.88 10.75
CA TYR A 107 11.57 9.98 11.54
C TYR A 107 12.30 10.14 12.87
N ILE A 108 12.68 9.02 13.46
CA ILE A 108 13.31 9.04 14.76
C ILE A 108 14.74 9.55 14.70
N TYR A 109 15.52 9.09 13.73
CA TYR A 109 16.92 9.48 13.63
C TYR A 109 17.13 10.93 13.18
N ASN A 110 16.43 11.33 12.12
CA ASN A 110 16.66 12.59 11.44
C ASN A 110 16.01 13.80 12.10
N LYS A 111 16.44 14.99 11.69
CA LYS A 111 15.84 16.22 12.20
C LYS A 111 14.50 16.45 11.51
N PRO A 112 13.55 17.11 12.20
CA PRO A 112 12.22 17.39 11.64
C PRO A 112 12.29 18.07 10.28
N THR A 113 13.28 18.95 10.15
CA THR A 113 13.42 19.82 8.99
C THR A 113 14.17 19.18 7.81
N ASP A 114 14.64 17.95 7.99
CA ASP A 114 15.41 17.28 6.94
C ASP A 114 14.56 16.84 5.76
N ASP A 115 15.12 16.94 4.56
CA ASP A 115 14.46 16.51 3.33
C ASP A 115 14.04 15.04 3.35
N ILE A 116 14.85 14.18 3.96
CA ILE A 116 14.56 12.74 3.94
C ILE A 116 13.26 12.43 4.69
N VAL A 117 12.94 13.25 5.69
CA VAL A 117 11.67 13.13 6.41
C VAL A 117 10.49 13.36 5.46
N LEU A 118 10.59 14.38 4.62
CA LEU A 118 9.56 14.65 3.60
C LEU A 118 9.44 13.50 2.57
N MET A 119 10.58 12.95 2.20
CA MET A 119 10.65 11.87 1.22
C MET A 119 9.99 10.62 1.81
N ALA A 120 10.29 10.35 3.08
CA ALA A 120 9.68 9.23 3.79
C ALA A 120 8.16 9.39 3.89
N GLN A 121 7.72 10.58 4.27
CA GLN A 121 6.28 10.88 4.36
C GLN A 121 5.57 10.64 3.02
N THR A 122 6.18 11.06 1.92
CA THR A 122 5.59 10.88 0.57
C THR A 122 5.44 9.40 0.20
N LEU A 123 6.48 8.62 0.48
CA LEU A 123 6.46 7.17 0.26
C LEU A 123 5.44 6.48 1.16
N GLU A 124 5.38 6.89 2.43
CA GLU A 124 4.50 6.26 3.40
C GLU A 124 3.02 6.51 3.08
N LYS A 125 2.72 7.70 2.55
CA LYS A 125 1.37 8.02 2.10
C LYS A 125 0.92 7.02 1.02
N ILE A 126 1.81 6.68 0.09
CA ILE A 126 1.50 5.72 -0.97
C ILE A 126 1.31 4.31 -0.41
N PHE A 127 2.18 3.95 0.53
CA PHE A 127 2.08 2.69 1.27
C PHE A 127 0.71 2.53 1.91
N LEU A 128 0.25 3.58 2.60
CA LEU A 128 -1.05 3.54 3.29
C LEU A 128 -2.22 3.51 2.31
N GLN A 129 -2.15 4.34 1.27
CA GLN A 129 -3.19 4.35 0.23
C GLN A 129 -3.36 2.96 -0.40
N LYS A 130 -2.25 2.29 -0.69
CA LYS A 130 -2.31 0.96 -1.32
C LYS A 130 -2.75 -0.13 -0.34
N VAL A 131 -2.28 -0.04 0.89
CA VAL A 131 -2.66 -1.00 1.94
C VAL A 131 -4.15 -0.93 2.24
N ALA A 132 -4.74 0.25 2.08
CA ALA A 132 -6.16 0.44 2.29
C ALA A 132 -7.00 -0.40 1.32
N SER A 133 -6.41 -0.85 0.22
CA SER A 133 -7.10 -1.67 -0.78
C SER A 133 -6.54 -3.09 -0.93
N MET A 134 -5.69 -3.50 0.01
CA MET A 134 -5.20 -4.88 0.07
C MET A 134 -6.39 -5.80 0.37
N PRO A 135 -6.43 -6.99 -0.25
CA PRO A 135 -7.55 -7.90 -0.02
C PRO A 135 -7.36 -8.85 1.18
N GLN A 136 -8.38 -9.66 1.46
CA GLN A 136 -8.17 -10.99 2.06
C GLN A 136 -9.40 -11.88 1.87
N ASN B 31 -9.93 3.25 -36.25
CA ASN B 31 -11.03 3.87 -35.46
C ASN B 31 -11.46 2.97 -34.29
N GLN B 32 -11.76 1.72 -34.62
CA GLN B 32 -12.17 0.73 -33.61
C GLN B 32 -11.02 0.31 -32.72
N LEU B 33 -9.86 0.02 -33.32
CA LEU B 33 -8.66 -0.34 -32.55
C LEU B 33 -8.15 0.84 -31.73
N GLN B 34 -8.30 2.05 -32.28
CA GLN B 34 -8.01 3.29 -31.56
C GLN B 34 -8.87 3.35 -30.29
N TYR B 35 -10.15 3.02 -30.43
CA TYR B 35 -11.09 3.03 -29.30
C TYR B 35 -10.71 1.99 -28.25
N LEU B 36 -10.46 0.77 -28.69
CA LEU B 36 -10.01 -0.31 -27.81
C LEU B 36 -8.74 0.08 -27.04
N HIS B 37 -7.82 0.77 -27.71
CA HIS B 37 -6.60 1.23 -27.07
C HIS B 37 -6.86 2.45 -26.17
N LYS B 38 -7.46 3.49 -26.74
CA LYS B 38 -7.65 4.78 -26.05
C LYS B 38 -8.71 4.79 -24.95
N VAL B 39 -9.76 3.98 -25.07
CA VAL B 39 -10.84 3.97 -24.08
C VAL B 39 -10.86 2.70 -23.24
N VAL B 40 -10.91 1.54 -23.90
CA VAL B 40 -11.08 0.27 -23.18
C VAL B 40 -9.85 -0.12 -22.37
N MET B 41 -8.70 -0.19 -23.03
CA MET B 41 -7.46 -0.58 -22.36
C MET B 41 -7.06 0.46 -21.30
N LYS B 42 -7.23 1.73 -21.64
CA LYS B 42 -6.92 2.83 -20.70
C LYS B 42 -7.63 2.62 -19.36
N ALA B 43 -8.92 2.32 -19.41
CA ALA B 43 -9.73 2.11 -18.20
C ALA B 43 -9.37 0.83 -17.44
N LEU B 44 -9.22 -0.28 -18.15
CA LEU B 44 -8.91 -1.57 -17.52
C LEU B 44 -7.49 -1.64 -16.96
N TRP B 45 -6.52 -1.10 -17.69
CA TRP B 45 -5.12 -1.06 -17.24
C TRP B 45 -4.99 -0.31 -15.91
N LYS B 46 -5.66 0.84 -15.81
CA LYS B 46 -5.66 1.67 -14.58
C LYS B 46 -6.34 0.99 -13.39
N HIS B 47 -7.25 0.07 -13.69
CA HIS B 47 -8.19 -0.44 -12.70
C HIS B 47 -7.49 -1.09 -11.50
N GLN B 48 -8.13 -0.98 -10.34
CA GLN B 48 -7.62 -1.53 -9.09
C GLN B 48 -7.27 -3.02 -9.20
N PHE B 49 -8.11 -3.77 -9.91
CA PHE B 49 -7.94 -5.22 -10.07
C PHE B 49 -7.11 -5.60 -11.29
N ALA B 50 -6.45 -4.63 -11.93
CA ALA B 50 -5.65 -4.90 -13.14
C ALA B 50 -4.36 -5.67 -12.87
N TRP B 51 -3.76 -5.48 -11.69
CA TRP B 51 -2.38 -5.92 -11.43
C TRP B 51 -2.04 -7.38 -11.75
N PRO B 52 -2.96 -8.32 -11.46
CA PRO B 52 -2.61 -9.71 -11.81
C PRO B 52 -2.54 -9.97 -13.32
N PHE B 53 -3.23 -9.14 -14.10
CA PHE B 53 -3.35 -9.33 -15.54
C PHE B 53 -2.39 -8.48 -16.37
N ARG B 54 -1.53 -7.71 -15.72
CA ARG B 54 -0.68 -6.75 -16.43
C ARG B 54 0.52 -7.40 -17.14
N GLN B 55 0.82 -8.65 -16.79
CA GLN B 55 1.93 -9.41 -17.37
C GLN B 55 1.55 -10.89 -17.50
N PRO B 56 2.22 -11.64 -18.41
CA PRO B 56 1.93 -13.07 -18.50
C PRO B 56 2.08 -13.79 -17.17
N VAL B 57 1.22 -14.78 -16.93
CA VAL B 57 1.32 -15.62 -15.74
C VAL B 57 2.66 -16.34 -15.76
N ASP B 58 3.45 -16.14 -14.69
CA ASP B 58 4.74 -16.83 -14.55
C ASP B 58 4.50 -18.06 -13.69
N ALA B 59 4.28 -19.20 -14.34
CA ALA B 59 3.93 -20.45 -13.64
C ALA B 59 5.00 -20.89 -12.65
N VAL B 60 6.27 -20.64 -12.97
CA VAL B 60 7.37 -21.03 -12.10
C VAL B 60 7.41 -20.20 -10.82
N LYS B 61 7.41 -18.87 -10.96
CA LYS B 61 7.37 -17.97 -9.79
C LYS B 61 6.15 -18.20 -8.92
N LEU B 62 4.97 -18.28 -9.54
CA LEU B 62 3.71 -18.47 -8.82
C LEU B 62 3.57 -19.88 -8.25
N GLY B 63 4.40 -20.81 -8.70
CA GLY B 63 4.40 -22.18 -8.18
C GLY B 63 3.20 -22.97 -8.67
N LEU B 64 2.84 -22.79 -9.94
CA LEU B 64 1.73 -23.49 -10.57
C LEU B 64 2.26 -24.45 -11.63
N PRO B 65 2.78 -25.62 -11.20
CA PRO B 65 3.36 -26.56 -12.17
C PRO B 65 2.43 -27.01 -13.30
N ASP B 66 1.12 -27.02 -13.05
CA ASP B 66 0.14 -27.51 -14.03
C ASP B 66 -0.53 -26.40 -14.88
N TYR B 67 -0.13 -25.15 -14.68
CA TYR B 67 -0.80 -24.04 -15.36
C TYR B 67 -0.84 -24.23 -16.88
N HIS B 68 0.32 -24.51 -17.47
CA HIS B 68 0.42 -24.65 -18.93
C HIS B 68 -0.04 -26.01 -19.48
N LYS B 69 -0.38 -26.93 -18.58
CA LYS B 69 -1.07 -28.16 -18.97
C LYS B 69 -2.56 -27.88 -19.19
N ILE B 70 -3.12 -27.02 -18.34
CA ILE B 70 -4.54 -26.73 -18.36
C ILE B 70 -4.84 -25.59 -19.34
N ILE B 71 -4.06 -24.52 -19.26
CA ILE B 71 -4.22 -23.35 -20.11
C ILE B 71 -3.29 -23.41 -21.32
N LYS B 72 -3.86 -23.60 -22.51
CA LYS B 72 -3.06 -23.80 -23.71
C LYS B 72 -2.77 -22.52 -24.48
N GLN B 73 -3.57 -21.48 -24.29
CA GLN B 73 -3.34 -20.19 -24.94
C GLN B 73 -3.30 -19.07 -23.91
N PRO B 74 -2.13 -18.87 -23.26
CA PRO B 74 -2.02 -17.80 -22.28
C PRO B 74 -2.17 -16.42 -22.91
N MET B 75 -2.76 -15.49 -22.17
CA MET B 75 -2.91 -14.13 -22.64
C MET B 75 -2.99 -13.20 -21.44
N ASP B 76 -2.60 -11.95 -21.65
CA ASP B 76 -2.57 -10.95 -20.58
C ASP B 76 -2.67 -9.55 -21.16
N MET B 77 -2.91 -8.58 -20.29
CA MET B 77 -3.12 -7.19 -20.71
C MET B 77 -1.85 -6.54 -21.24
N GLY B 78 -0.69 -6.95 -20.72
CA GLY B 78 0.60 -6.45 -21.21
C GLY B 78 0.82 -6.77 -22.69
N THR B 79 0.52 -8.01 -23.06
CA THR B 79 0.60 -8.44 -24.44
C THR B 79 -0.39 -7.69 -25.32
N ILE B 80 -1.62 -7.53 -24.85
CA ILE B 80 -2.66 -6.84 -25.62
C ILE B 80 -2.28 -5.38 -25.83
N LYS B 81 -1.77 -4.76 -24.77
CA LYS B 81 -1.33 -3.37 -24.81
C LYS B 81 -0.21 -3.15 -25.83
N ARG B 82 0.79 -4.03 -25.82
CA ARG B 82 1.88 -3.93 -26.80
C ARG B 82 1.33 -4.07 -28.21
N ARG B 83 0.42 -5.03 -28.40
CA ARG B 83 -0.17 -5.30 -29.70
C ARG B 83 -0.98 -4.13 -30.23
N LEU B 84 -1.72 -3.46 -29.34
CA LEU B 84 -2.44 -2.23 -29.72
C LEU B 84 -1.46 -1.13 -30.09
N GLU B 85 -0.39 -0.97 -29.32
CA GLU B 85 0.62 0.07 -29.58
C GLU B 85 1.39 -0.14 -30.89
N ASN B 86 1.63 -1.41 -31.23
CA ASN B 86 2.46 -1.76 -32.39
C ASN B 86 1.65 -2.11 -33.63
N ASN B 87 0.34 -1.86 -33.59
CA ASN B 87 -0.55 -2.07 -34.74
C ASN B 87 -0.61 -3.53 -35.18
N TYR B 88 -0.46 -4.44 -34.22
CA TYR B 88 -0.48 -5.88 -34.46
C TYR B 88 -1.81 -6.37 -35.06
N TYR B 89 -2.93 -5.85 -34.55
CA TYR B 89 -4.27 -6.36 -34.91
C TYR B 89 -4.78 -5.88 -36.27
N TRP B 90 -5.53 -6.74 -36.95
CA TRP B 90 -6.21 -6.38 -38.21
C TRP B 90 -7.68 -6.01 -38.01
N ALA B 91 -8.29 -6.58 -36.98
CA ALA B 91 -9.70 -6.34 -36.69
C ALA B 91 -9.89 -6.18 -35.19
N ALA B 92 -10.87 -5.37 -34.80
CA ALA B 92 -11.22 -5.17 -33.38
C ALA B 92 -11.48 -6.50 -32.69
N SER B 93 -12.17 -7.41 -33.39
CA SER B 93 -12.56 -8.70 -32.85
C SER B 93 -11.36 -9.55 -32.39
N GLU B 94 -10.22 -9.39 -33.06
CA GLU B 94 -8.99 -10.08 -32.66
C GLU B 94 -8.53 -9.64 -31.27
N CYS B 95 -8.62 -8.34 -31.03
CA CYS B 95 -8.25 -7.75 -29.74
C CYS B 95 -9.25 -8.15 -28.67
N MET B 96 -10.52 -8.08 -29.03
CA MET B 96 -11.60 -8.51 -28.15
C MET B 96 -11.44 -9.98 -27.77
N GLN B 97 -11.06 -10.82 -28.73
CA GLN B 97 -10.85 -12.25 -28.44
C GLN B 97 -9.70 -12.45 -27.45
N ASP B 98 -8.64 -11.66 -27.56
CA ASP B 98 -7.54 -11.74 -26.58
C ASP B 98 -7.98 -11.39 -25.13
N PHE B 99 -8.79 -10.35 -24.97
CA PHE B 99 -9.37 -10.02 -23.67
C PHE B 99 -10.18 -11.20 -23.15
N ASN B 100 -11.03 -11.76 -24.01
CA ASN B 100 -11.87 -12.89 -23.65
C ASN B 100 -11.06 -14.11 -23.24
N THR B 101 -10.00 -14.41 -23.99
CA THR B 101 -9.11 -15.52 -23.67
C THR B 101 -8.46 -15.30 -22.30
N MET B 102 -8.00 -14.08 -22.04
CA MET B 102 -7.40 -13.73 -20.75
C MET B 102 -8.35 -14.04 -19.60
N PHE B 103 -9.59 -13.55 -19.68
CA PHE B 103 -10.57 -13.76 -18.61
C PHE B 103 -10.96 -15.24 -18.48
N THR B 104 -11.19 -15.87 -19.62
CA THR B 104 -11.60 -17.28 -19.63
C THR B 104 -10.56 -18.18 -18.97
N ASN B 105 -9.29 -17.97 -19.30
CA ASN B 105 -8.19 -18.74 -18.68
C ASN B 105 -8.26 -18.67 -17.17
N CYS B 106 -8.52 -17.47 -16.68
CA CYS B 106 -8.61 -17.24 -15.25
C CYS B 106 -9.76 -18.06 -14.62
N TYR B 107 -10.91 -18.07 -15.28
CA TYR B 107 -12.08 -18.82 -14.78
C TYR B 107 -11.85 -20.32 -14.84
N ILE B 108 -11.17 -20.78 -15.89
CA ILE B 108 -10.97 -22.21 -16.08
C ILE B 108 -9.95 -22.76 -15.09
N TYR B 109 -8.84 -22.05 -14.90
CA TYR B 109 -7.77 -22.55 -14.06
C TYR B 109 -8.12 -22.49 -12.56
N ASN B 110 -8.67 -21.36 -12.14
CA ASN B 110 -8.84 -21.08 -10.71
C ASN B 110 -10.12 -21.65 -10.11
N LYS B 111 -10.13 -21.78 -8.79
CA LYS B 111 -11.32 -22.25 -8.08
C LYS B 111 -12.36 -21.14 -8.02
N PRO B 112 -13.66 -21.49 -7.98
CA PRO B 112 -14.76 -20.51 -7.99
C PRO B 112 -14.70 -19.45 -6.88
N THR B 113 -14.19 -19.84 -5.71
CA THR B 113 -14.16 -18.97 -4.54
C THR B 113 -12.94 -18.07 -4.50
N ASP B 114 -11.99 -18.26 -5.43
CA ASP B 114 -10.79 -17.42 -5.48
C ASP B 114 -11.13 -15.97 -5.80
N ASP B 115 -10.37 -15.06 -5.19
CA ASP B 115 -10.55 -13.62 -5.38
C ASP B 115 -10.32 -13.21 -6.84
N ILE B 116 -9.32 -13.81 -7.47
CA ILE B 116 -8.98 -13.52 -8.88
C ILE B 116 -10.21 -13.70 -9.78
N VAL B 117 -11.07 -14.67 -9.43
CA VAL B 117 -12.30 -14.90 -10.18
C VAL B 117 -13.23 -13.69 -10.09
N LEU B 118 -13.44 -13.15 -8.88
CA LEU B 118 -14.24 -11.93 -8.74
C LEU B 118 -13.59 -10.76 -9.47
N MET B 119 -12.27 -10.68 -9.39
CA MET B 119 -11.52 -9.62 -10.07
C MET B 119 -11.70 -9.67 -11.58
N ALA B 120 -11.62 -10.86 -12.16
CA ALA B 120 -11.82 -11.02 -13.60
C ALA B 120 -13.23 -10.62 -14.02
N GLN B 121 -14.23 -11.03 -13.22
CA GLN B 121 -15.64 -10.71 -13.50
C GLN B 121 -15.88 -9.22 -13.55
N THR B 122 -15.30 -8.50 -12.59
CA THR B 122 -15.43 -7.07 -12.52
C THR B 122 -14.83 -6.38 -13.73
N LEU B 123 -13.63 -6.80 -14.14
CA LEU B 123 -12.95 -6.23 -15.29
C LEU B 123 -13.67 -6.56 -16.60
N GLU B 124 -14.12 -7.81 -16.72
CA GLU B 124 -14.82 -8.25 -17.93
C GLU B 124 -16.13 -7.49 -18.15
N LYS B 125 -16.86 -7.22 -17.06
CA LYS B 125 -18.09 -6.43 -17.13
C LYS B 125 -17.83 -5.05 -17.75
N ILE B 126 -16.73 -4.41 -17.34
CA ILE B 126 -16.37 -3.07 -17.82
C ILE B 126 -15.94 -3.15 -19.29
N PHE B 127 -15.16 -4.18 -19.61
CA PHE B 127 -14.77 -4.48 -21.00
C PHE B 127 -15.97 -4.58 -21.94
N LEU B 128 -16.96 -5.38 -21.56
CA LEU B 128 -18.15 -5.57 -22.40
C LEU B 128 -19.01 -4.32 -22.51
N GLN B 129 -19.10 -3.55 -21.42
CA GLN B 129 -19.82 -2.28 -21.40
C GLN B 129 -19.26 -1.29 -22.43
N LYS B 130 -17.95 -1.16 -22.47
CA LYS B 130 -17.30 -0.24 -23.41
C LYS B 130 -17.31 -0.76 -24.84
N VAL B 131 -17.17 -2.08 -25.01
CA VAL B 131 -17.29 -2.70 -26.33
C VAL B 131 -18.65 -2.42 -26.98
N ALA B 132 -19.71 -2.32 -26.16
CA ALA B 132 -21.04 -1.96 -26.65
C ALA B 132 -21.09 -0.55 -27.26
N SER B 133 -20.19 0.33 -26.81
CA SER B 133 -20.09 1.70 -27.32
C SER B 133 -18.98 1.90 -28.37
N MET B 134 -18.43 0.81 -28.91
CA MET B 134 -17.34 0.90 -29.89
C MET B 134 -17.84 1.53 -31.19
N PRO B 135 -17.01 2.37 -31.83
CA PRO B 135 -17.45 2.99 -33.10
C PRO B 135 -17.71 1.97 -34.21
N THR C 30 -17.31 1.58 1.38
CA THR C 30 -16.92 2.55 2.46
C THR C 30 -17.28 2.07 3.87
N ASN C 31 -17.79 0.84 4.00
CA ASN C 31 -17.97 0.20 5.32
C ASN C 31 -16.65 0.01 6.08
N GLN C 32 -15.56 0.31 5.40
CA GLN C 32 -14.22 0.35 5.97
C GLN C 32 -14.16 1.39 7.09
N LEU C 33 -14.83 2.52 6.90
CA LEU C 33 -14.86 3.58 7.91
C LEU C 33 -15.53 3.12 9.21
N GLN C 34 -16.57 2.29 9.10
CA GLN C 34 -17.19 1.67 10.27
C GLN C 34 -16.18 0.74 10.96
N TYR C 35 -15.42 -0.01 10.16
CA TYR C 35 -14.36 -0.86 10.68
C TYR C 35 -13.30 -0.05 11.39
N LEU C 36 -12.92 1.08 10.81
CA LEU C 36 -11.92 1.97 11.44
C LEU C 36 -12.43 2.57 12.76
N HIS C 37 -13.73 2.83 12.87
CA HIS C 37 -14.32 3.38 14.08
C HIS C 37 -14.57 2.28 15.12
N LYS C 38 -15.23 1.20 14.71
CA LYS C 38 -15.68 0.17 15.65
C LYS C 38 -14.63 -0.85 16.07
N VAL C 39 -13.70 -1.18 15.17
CA VAL C 39 -12.70 -2.20 15.47
C VAL C 39 -11.34 -1.57 15.78
N VAL C 40 -10.83 -0.76 14.85
CA VAL C 40 -9.49 -0.20 14.97
C VAL C 40 -9.40 0.84 16.09
N MET C 41 -10.17 1.91 15.97
CA MET C 41 -10.16 2.98 16.97
C MET C 41 -10.56 2.47 18.36
N LYS C 42 -11.54 1.58 18.43
CA LYS C 42 -12.02 1.04 19.72
C LYS C 42 -10.86 0.39 20.49
N ALA C 43 -10.07 -0.42 19.78
CA ALA C 43 -8.93 -1.12 20.36
C ALA C 43 -7.82 -0.18 20.80
N LEU C 44 -7.51 0.81 19.97
CA LEU C 44 -6.43 1.75 20.27
C LEU C 44 -6.80 2.66 21.44
N TRP C 45 -8.04 3.14 21.43
CA TRP C 45 -8.49 4.13 22.42
C TRP C 45 -8.40 3.62 23.86
N LYS C 46 -8.79 2.36 24.07
CA LYS C 46 -8.84 1.77 25.41
C LYS C 46 -7.47 1.29 25.90
N HIS C 47 -6.47 1.26 25.02
CA HIS C 47 -5.12 0.80 25.36
C HIS C 47 -4.48 1.62 26.49
N GLN C 48 -3.68 0.94 27.32
CA GLN C 48 -2.99 1.59 28.45
C GLN C 48 -2.02 2.71 28.05
N PHE C 49 -1.53 2.68 26.82
CA PHE C 49 -0.65 3.72 26.29
C PHE C 49 -1.38 4.80 25.47
N ALA C 50 -2.70 4.75 25.40
CA ALA C 50 -3.45 5.66 24.54
C ALA C 50 -3.72 7.07 25.11
N TRP C 51 -3.67 7.22 26.43
CA TRP C 51 -4.07 8.48 27.09
C TRP C 51 -3.42 9.77 26.54
N PRO C 52 -2.13 9.74 26.15
CA PRO C 52 -1.55 10.99 25.60
C PRO C 52 -2.12 11.40 24.25
N PHE C 53 -2.76 10.46 23.57
CA PHE C 53 -3.18 10.61 22.18
C PHE C 53 -4.69 10.82 21.98
N ARG C 54 -5.48 10.71 23.04
CA ARG C 54 -6.94 10.86 22.94
C ARG C 54 -7.44 12.29 22.73
N GLN C 55 -6.55 13.27 22.91
CA GLN C 55 -6.88 14.68 22.72
C GLN C 55 -5.67 15.44 22.16
N PRO C 56 -5.91 16.60 21.52
CA PRO C 56 -4.79 17.39 21.03
C PRO C 56 -3.72 17.66 22.08
N VAL C 57 -2.45 17.69 21.65
CA VAL C 57 -1.36 18.13 22.49
C VAL C 57 -1.63 19.57 22.94
N ASP C 58 -1.69 19.77 24.27
CA ASP C 58 -1.85 21.09 24.85
C ASP C 58 -0.46 21.61 25.17
N ALA C 59 0.09 22.43 24.28
CA ALA C 59 1.46 22.95 24.40
C ALA C 59 1.63 23.92 25.57
N VAL C 60 0.56 24.63 25.92
CA VAL C 60 0.59 25.52 27.08
C VAL C 60 0.71 24.67 28.36
N LYS C 61 -0.19 23.71 28.52
CA LYS C 61 -0.22 22.85 29.72
C LYS C 61 1.08 22.06 29.91
N LEU C 62 1.64 21.57 28.81
CA LEU C 62 2.88 20.77 28.86
C LEU C 62 4.16 21.60 28.78
N GLY C 63 4.03 22.90 28.56
CA GLY C 63 5.17 23.80 28.51
C GLY C 63 6.07 23.54 27.31
N LEU C 64 5.46 23.39 26.14
CA LEU C 64 6.19 23.08 24.91
C LEU C 64 6.03 24.21 23.88
N PRO C 65 6.69 25.37 24.11
CA PRO C 65 6.53 26.54 23.24
C PRO C 65 7.05 26.35 21.81
N ASP C 66 7.82 25.29 21.57
CA ASP C 66 8.29 24.97 20.23
C ASP C 66 7.42 23.91 19.52
N TYR C 67 6.43 23.34 20.20
CA TYR C 67 5.70 22.21 19.60
C TYR C 67 5.02 22.58 18.29
N HIS C 68 4.32 23.71 18.26
CA HIS C 68 3.61 24.13 17.05
C HIS C 68 4.52 24.76 15.99
N LYS C 69 5.76 25.07 16.36
CA LYS C 69 6.78 25.50 15.39
C LYS C 69 7.35 24.30 14.63
N ILE C 70 7.35 23.14 15.28
CA ILE C 70 7.92 21.92 14.73
C ILE C 70 6.84 21.04 14.09
N ILE C 71 5.70 20.92 14.76
CA ILE C 71 4.56 20.13 14.28
C ILE C 71 3.51 21.08 13.70
N LYS C 72 3.39 21.06 12.38
CA LYS C 72 2.53 22.01 11.66
C LYS C 72 1.16 21.44 11.31
N GLN C 73 1.01 20.12 11.51
CA GLN C 73 -0.25 19.44 11.30
C GLN C 73 -0.55 18.56 12.51
N PRO C 74 -0.98 19.18 13.62
CA PRO C 74 -1.33 18.36 14.79
C PRO C 74 -2.47 17.40 14.49
N MET C 75 -2.41 16.22 15.10
CA MET C 75 -3.47 15.23 14.96
C MET C 75 -3.53 14.38 16.23
N ASP C 76 -4.72 13.86 16.52
CA ASP C 76 -4.98 13.08 17.71
C ASP C 76 -6.19 12.18 17.49
N MET C 77 -6.33 11.14 18.33
CA MET C 77 -7.42 10.16 18.18
C MET C 77 -8.80 10.80 18.35
N GLY C 78 -8.89 11.83 19.19
CA GLY C 78 -10.15 12.51 19.46
C GLY C 78 -10.69 13.18 18.22
N THR C 79 -9.82 13.90 17.51
CA THR C 79 -10.16 14.52 16.25
C THR C 79 -10.55 13.47 15.19
N ILE C 80 -9.79 12.37 15.12
CA ILE C 80 -10.10 11.29 14.18
C ILE C 80 -11.45 10.65 14.50
N LYS C 81 -11.67 10.34 15.77
CA LYS C 81 -12.93 9.78 16.23
C LYS C 81 -14.11 10.68 15.84
N ARG C 82 -13.98 11.98 16.13
CA ARG C 82 -15.00 12.98 15.77
C ARG C 82 -15.31 12.97 14.26
N ARG C 83 -14.25 12.90 13.46
CA ARG C 83 -14.36 12.90 12.01
C ARG C 83 -15.02 11.63 11.48
N LEU C 84 -14.70 10.49 12.11
CA LEU C 84 -15.38 9.24 11.80
C LEU C 84 -16.89 9.31 12.10
N GLU C 85 -17.25 10.07 13.13
CA GLU C 85 -18.65 10.19 13.57
C GLU C 85 -19.48 11.20 12.78
N ASN C 86 -18.83 12.24 12.25
CA ASN C 86 -19.52 13.28 11.46
C ASN C 86 -19.37 13.08 9.94
N ASN C 87 -19.01 11.88 9.51
CA ASN C 87 -18.85 11.57 8.09
C ASN C 87 -17.96 12.56 7.35
N TYR C 88 -16.82 12.87 7.97
CA TYR C 88 -15.82 13.78 7.39
C TYR C 88 -15.03 13.06 6.31
N TYR C 89 -14.69 11.81 6.55
CA TYR C 89 -13.84 11.03 5.64
C TYR C 89 -14.59 10.54 4.41
N TRP C 90 -13.92 10.65 3.26
CA TRP C 90 -14.46 10.19 1.98
C TRP C 90 -13.87 8.84 1.57
N ALA C 91 -12.80 8.41 2.25
CA ALA C 91 -12.12 7.15 1.94
C ALA C 91 -11.39 6.64 3.18
N ALA C 92 -11.29 5.32 3.31
CA ALA C 92 -10.54 4.71 4.43
C ALA C 92 -9.12 5.26 4.52
N SER C 93 -8.45 5.34 3.37
CA SER C 93 -7.05 5.80 3.34
C SER C 93 -6.87 7.21 3.94
N GLU C 94 -7.88 8.06 3.81
CA GLU C 94 -7.85 9.41 4.37
C GLU C 94 -7.79 9.38 5.92
N CYS C 95 -8.55 8.47 6.50
CA CYS C 95 -8.55 8.24 7.94
C CYS C 95 -7.23 7.65 8.41
N MET C 96 -6.72 6.64 7.70
CA MET C 96 -5.42 6.02 7.99
C MET C 96 -4.28 7.03 7.92
N GLN C 97 -4.36 7.97 6.97
CA GLN C 97 -3.37 9.03 6.88
C GLN C 97 -3.36 9.92 8.13
N ASP C 98 -4.53 10.20 8.70
CA ASP C 98 -4.60 10.96 9.94
C ASP C 98 -3.98 10.20 11.11
N PHE C 99 -4.20 8.89 11.18
CA PHE C 99 -3.55 8.06 12.20
C PHE C 99 -2.04 8.18 12.04
N ASN C 100 -1.58 8.11 10.80
CA ASN C 100 -0.15 8.16 10.51
C ASN C 100 0.45 9.51 10.92
N THR C 101 -0.24 10.60 10.58
CA THR C 101 0.22 11.92 10.97
C THR C 101 0.38 12.05 12.47
N MET C 102 -0.57 11.48 13.23
CA MET C 102 -0.51 11.50 14.69
C MET C 102 0.73 10.79 15.21
N PHE C 103 0.99 9.58 14.73
CA PHE C 103 2.17 8.82 15.15
C PHE C 103 3.45 9.50 14.70
N THR C 104 3.50 9.93 13.43
CA THR C 104 4.69 10.58 12.88
C THR C 104 5.06 11.86 13.63
N ASN C 105 4.07 12.68 13.96
CA ASN C 105 4.31 13.89 14.77
C ASN C 105 5.05 13.54 16.06
N CYS C 106 4.65 12.43 16.68
CA CYS C 106 5.24 12.01 17.94
C CYS C 106 6.73 11.68 17.77
N TYR C 107 7.06 10.94 16.71
CA TYR C 107 8.46 10.58 16.43
C TYR C 107 9.30 11.80 16.05
N ILE C 108 8.70 12.70 15.29
CA ILE C 108 9.41 13.87 14.80
C ILE C 108 9.73 14.83 15.94
N TYR C 109 8.77 15.05 16.83
CA TYR C 109 8.96 16.02 17.90
C TYR C 109 9.85 15.51 19.05
N ASN C 110 9.61 14.29 19.48
CA ASN C 110 10.23 13.81 20.71
C ASN C 110 11.62 13.25 20.48
N LYS C 111 12.37 13.11 21.58
CA LYS C 111 13.68 12.48 21.52
C LYS C 111 13.52 10.97 21.28
N PRO C 112 14.51 10.35 20.62
CA PRO C 112 14.43 8.91 20.34
C PRO C 112 14.24 8.06 21.61
N THR C 113 14.77 8.53 22.73
CA THR C 113 14.80 7.77 23.99
C THR C 113 13.56 8.01 24.88
N ASP C 114 12.65 8.86 24.44
CA ASP C 114 11.46 9.19 25.22
C ASP C 114 10.47 8.04 25.25
N ASP C 115 9.86 7.80 26.43
CA ASP C 115 8.82 6.77 26.57
C ASP C 115 7.68 6.94 25.57
N ILE C 116 7.33 8.18 25.26
CA ILE C 116 6.20 8.43 24.38
C ILE C 116 6.43 7.80 22.99
N VAL C 117 7.67 7.76 22.53
CA VAL C 117 7.99 7.12 21.25
C VAL C 117 7.67 5.62 21.28
N LEU C 118 8.09 4.95 22.35
CA LEU C 118 7.74 3.55 22.60
C LEU C 118 6.23 3.34 22.64
N MET C 119 5.53 4.25 23.32
CA MET C 119 4.06 4.20 23.40
C MET C 119 3.42 4.32 22.02
N ALA C 120 3.86 5.32 21.24
CA ALA C 120 3.38 5.48 19.87
C ALA C 120 3.63 4.24 19.02
N GLN C 121 4.85 3.71 19.06
CA GLN C 121 5.21 2.53 18.29
C GLN C 121 4.33 1.33 18.62
N THR C 122 3.99 1.13 19.90
CA THR C 122 3.15 0.00 20.30
C THR C 122 1.73 0.15 19.72
N LEU C 123 1.17 1.35 19.85
CA LEU C 123 -0.14 1.66 19.28
C LEU C 123 -0.16 1.52 17.75
N GLU C 124 0.87 2.03 17.10
CA GLU C 124 0.96 1.98 15.63
C GLU C 124 1.05 0.53 15.12
N LYS C 125 1.74 -0.34 15.84
CA LYS C 125 1.80 -1.74 15.44
C LYS C 125 0.40 -2.37 15.49
N ILE C 126 -0.39 -2.04 16.52
CA ILE C 126 -1.76 -2.54 16.63
C ILE C 126 -2.61 -2.00 15.46
N PHE C 127 -2.47 -0.71 15.20
CA PHE C 127 -3.13 -0.06 14.05
C PHE C 127 -2.89 -0.82 12.74
N LEU C 128 -1.63 -1.13 12.43
CA LEU C 128 -1.31 -1.85 11.19
C LEU C 128 -1.85 -3.29 11.17
N GLN C 129 -1.74 -3.99 12.31
CA GLN C 129 -2.28 -5.34 12.43
C GLN C 129 -3.78 -5.36 12.10
N LYS C 130 -4.52 -4.43 12.69
CA LYS C 130 -5.95 -4.32 12.45
C LYS C 130 -6.25 -3.87 11.02
N VAL C 131 -5.47 -2.94 10.49
CA VAL C 131 -5.68 -2.49 9.11
C VAL C 131 -5.50 -3.63 8.11
N ALA C 132 -4.58 -4.56 8.42
CA ALA C 132 -4.32 -5.72 7.57
C ALA C 132 -5.56 -6.63 7.44
N SER C 133 -6.49 -6.51 8.38
CA SER C 133 -7.74 -7.30 8.38
C SER C 133 -9.00 -6.49 8.04
N MET C 134 -8.82 -5.26 7.56
CA MET C 134 -9.96 -4.42 7.19
C MET C 134 -10.69 -5.04 5.99
N PRO C 135 -12.04 -5.01 5.99
CA PRO C 135 -12.75 -5.62 4.86
C PRO C 135 -12.69 -4.77 3.59
N GLN C 136 -12.93 -5.41 2.45
CA GLN C 136 -12.94 -4.72 1.15
C GLN C 136 -14.37 -4.55 0.62
C17 WSH D . 18.78 13.65 1.10
C10 WSH D . 23.97 14.40 12.60
C18 WSH D . 19.63 13.95 2.13
C16 WSH D . 18.28 12.37 0.98
C22 WSH D . 21.16 7.93 1.64
C11 WSH D . 24.48 14.98 11.46
C9 WSH D . 22.94 13.48 12.49
C23 WSH D . 20.76 6.79 2.29
C19 WSH D . 19.99 12.97 3.04
C15 WSH D . 18.65 11.39 1.88
C21 WSH D . 20.87 9.17 2.18
C12 WSH D . 23.96 14.65 10.22
C8 WSH D . 22.43 13.16 11.25
C24 WSH D . 20.07 6.89 3.49
C14 WSH D . 19.50 11.69 2.92
C20 WSH D . 20.18 9.28 3.37
C7 WSH D . 22.94 13.74 10.09
C25 WSH D . 19.78 8.13 4.02
C3 WSH D . 19.33 8.99 6.33
C2 WSH D . 18.05 7.33 5.73
C13 WSH D . 19.90 10.63 3.90
C5 WSH D . 21.72 11.54 7.51
C4 WSH D . 20.41 10.03 6.14
C1 WSH D . 17.42 6.26 4.93
C6 WSH D . 22.40 13.41 8.73
N2 WSH D . 18.54 8.70 7.34
N1 WSH D . 17.74 7.65 6.96
N4 WSH D . 19.99 11.00 5.12
N5 WSH D . 19.06 8.14 5.27
N3 WSH D . 20.63 10.77 7.35
O1 WSH D . 22.60 11.68 6.67
O2 WSH D . 21.73 12.16 8.72
C17 WSH E . -5.20 -12.46 -5.93
C10 WSH E . -2.60 -25.00 -7.58
C18 WSH E . -4.96 -11.96 -7.19
C16 WSH E . -4.86 -13.75 -5.64
C22 WSH E . -0.55 -12.81 -9.95
C11 WSH E . -3.91 -24.66 -7.84
C9 WSH E . -1.69 -24.02 -7.25
C23 WSH E . -0.53 -13.02 -11.31
C19 WSH E . -4.39 -12.76 -8.15
C15 WSH E . -4.28 -14.56 -6.60
C21 WSH E . -1.50 -13.45 -9.17
C12 WSH E . -4.30 -23.33 -7.77
C8 WSH E . -2.08 -22.70 -7.19
C24 WSH E . -1.45 -13.85 -11.90
C14 WSH E . -4.05 -14.07 -7.86
C20 WSH E . -2.41 -14.29 -9.75
C7 WSH E . -3.39 -22.36 -7.45
C25 WSH E . -2.40 -14.47 -11.12
C3 WSH E . -3.67 -16.62 -11.33
C2 WSH E . -3.93 -15.24 -12.99
C13 WSH E . -3.42 -14.95 -8.90
C5 WSH E . -3.16 -19.09 -8.68
C4 WSH E . -3.18 -17.03 -9.96
C1 WSH E . -3.85 -14.03 -13.83
C6 WSH E . -3.82 -20.93 -7.38
N2 WSH E . -4.37 -17.23 -12.25
N1 WSH E . -4.53 -16.37 -13.30
N4 WSH E . -3.80 -16.17 -8.95
N5 WSH E . -3.36 -15.34 -11.76
N3 WSH E . -3.61 -18.38 -9.73
O1 WSH E . -2.36 -18.69 -7.85
O2 WSH E . -3.73 -20.33 -8.68
S SO4 F . 4.18 -7.24 -31.76
O1 SO4 F . 3.25 -6.18 -32.13
O2 SO4 F . 5.49 -6.65 -31.52
O3 SO4 F . 3.72 -7.91 -30.54
O4 SO4 F . 4.25 -8.21 -32.85
C17 WSH G . 4.95 10.12 29.13
C10 WSH G . 12.21 17.65 22.95
C18 WSH G . 5.74 11.25 29.12
C16 WSH G . 3.87 10.04 28.27
C22 WSH G . 0.57 14.14 27.42
C11 WSH G . 11.77 16.35 23.00
C9 WSH G . 11.65 18.58 23.80
C23 WSH G . -0.01 14.43 26.19
C19 WSH G . 5.46 12.29 28.26
C15 WSH G . 3.58 11.08 27.41
C21 WSH G . 1.89 13.80 27.48
C12 WSH G . 10.77 15.98 23.87
C8 WSH G . 10.65 18.21 24.67
C24 WSH G . 0.74 14.37 25.04
C14 WSH G . 4.38 12.21 27.40
C20 WSH G . 2.66 13.72 26.34
C7 WSH G . 10.22 16.90 24.71
C25 WSH G . 2.07 14.00 25.11
C3 WSH G . 4.11 14.48 23.73
C2 WSH G . 2.44 13.60 22.62
C13 WSH G . 4.08 13.34 26.47
C5 WSH G . 6.78 16.24 25.55
C4 WSH G . 4.81 14.99 24.97
C1 WSH G . 1.15 12.99 22.26
C6 WSH G . 9.12 16.50 25.64
N2 WSH G . 4.45 14.43 22.47
N1 WSH G . 3.41 13.87 21.77
N4 WSH G . 5.08 13.87 25.88
N5 WSH G . 2.83 13.97 23.89
N3 WSH G . 6.04 15.60 24.63
O1 WSH G . 6.49 16.38 26.73
O2 WSH G . 7.89 16.75 24.98
#